data_7UVC
#
_entry.id   7UVC
#
_cell.length_a   240.433
_cell.length_b   50.088
_cell.length_c   57.321
_cell.angle_alpha   90.000
_cell.angle_beta   90.000
_cell.angle_gamma   90.000
#
_symmetry.space_group_name_H-M   'P 21 21 2'
#
loop_
_entity.id
_entity.type
_entity.pdbx_description
1 polymer 'Ubiquitin-conjugating enzyme E2 2'
2 polymer 'E3 ubiquitin-protein ligase BRE1'
#
loop_
_entity_poly.entity_id
_entity_poly.type
_entity_poly.pdbx_seq_one_letter_code
_entity_poly.pdbx_strand_id
1 'polypeptide(L)'
;MSTPARRRLMRDFKRMKEDAPPGVSASPLPDNVMVWNAMIIGLADTPYEDGTFRLLLEFDEEYPNKPPHVKFLSEMFHPN
VYANGEICLDILQNRWTPTYDVASILTSIQSLFNDPNPASPANVEAATLFKDHKSQYVKRVKETVEKSWE
;
A
2 'polypeptide(L)'
;MTAEPATKKIKLELSDPSEPLTQSDVIAFQKEALFRCINRRRVDFEALRKQYELSRRECIDVSRKLANIMALIVTLARFI
ETFCTDANEKQLCREIAQGDETLIVQRSDSFMKLLTKYGKPNTTDSNTNSNASDHIQELTTELKNLRKSKEELFYENSQL
TEEISALKEYYTNIIRKYDRDESFTIKRVFKEDKTDAVKELREDEKESNENN
;
V,U
#
# COMPACT_ATOMS: atom_id res chain seq x y z
N SER A 2 36.37 33.69 33.27
CA SER A 2 37.00 34.12 34.51
C SER A 2 36.83 33.10 35.65
N THR A 3 35.58 32.72 35.92
CA THR A 3 35.28 31.79 37.00
C THR A 3 35.63 30.37 36.58
N PRO A 4 35.66 29.42 37.53
CA PRO A 4 35.89 28.03 37.15
C PRO A 4 34.79 27.43 36.30
N ALA A 5 33.53 27.87 36.46
CA ALA A 5 32.48 27.38 35.57
C ALA A 5 32.80 27.73 34.12
N ARG A 6 33.38 28.91 33.87
CA ARG A 6 33.66 29.37 32.52
C ARG A 6 34.89 28.73 31.90
N ARG A 7 35.74 28.07 32.70
CA ARG A 7 36.82 27.28 32.13
C ARG A 7 36.46 25.80 32.04
N ARG A 8 35.48 25.38 32.84
CA ARG A 8 34.97 23.99 32.67
C ARG A 8 34.21 23.99 31.34
N LEU A 9 33.32 24.96 31.15
CA LEU A 9 32.66 25.08 29.85
C LEU A 9 33.68 25.05 28.73
N MET A 10 34.84 25.67 28.97
CA MET A 10 35.89 25.67 27.96
C MET A 10 36.41 24.26 27.73
N ARG A 11 36.49 23.45 28.79
CA ARG A 11 36.90 22.05 28.65
C ARG A 11 35.91 21.25 27.81
N ASP A 12 34.60 21.46 28.05
CA ASP A 12 33.59 20.81 27.21
C ASP A 12 33.74 21.20 25.75
N PHE A 13 33.95 22.51 25.51
CA PHE A 13 34.15 23.02 24.14
C PHE A 13 35.33 22.36 23.46
N LYS A 14 36.44 22.17 24.18
CA LYS A 14 37.57 21.42 23.63
C LYS A 14 37.18 20.00 23.26
N ARG A 15 36.39 19.34 24.12
CA ARG A 15 35.90 18.02 23.79
C ARG A 15 35.09 18.02 22.50
N MET A 16 34.27 19.05 22.32
CA MET A 16 33.42 19.15 21.14
C MET A 16 34.19 19.33 19.84
N LYS A 17 35.51 19.54 19.89
CA LYS A 17 36.32 19.67 18.70
C LYS A 17 37.27 18.49 18.50
N GLU A 18 38.03 18.13 19.54
CA GLU A 18 39.02 17.08 19.35
C GLU A 18 38.36 15.71 19.22
N ASP A 19 37.23 15.51 19.88
CA ASP A 19 36.50 14.26 19.78
C ASP A 19 35.03 14.70 19.82
N ALA A 20 34.60 15.38 18.75
CA ALA A 20 33.20 15.76 18.56
C ALA A 20 32.38 14.51 18.32
N PRO A 21 31.35 14.24 19.12
CA PRO A 21 30.64 12.98 18.98
C PRO A 21 29.79 12.98 17.71
N PRO A 22 29.53 11.80 17.13
CA PRO A 22 28.91 11.75 15.81
C PRO A 22 27.47 12.25 15.84
N GLY A 23 27.13 13.09 14.88
CA GLY A 23 25.78 13.56 14.76
C GLY A 23 25.41 14.75 15.62
N VAL A 24 26.37 15.32 16.35
CA VAL A 24 26.06 16.50 17.13
C VAL A 24 27.09 17.58 16.85
N SER A 25 26.64 18.82 17.04
CA SER A 25 27.49 20.01 17.07
C SER A 25 27.06 20.84 18.27
N ALA A 26 27.98 21.62 18.81
CA ALA A 26 27.61 22.54 19.88
C ALA A 26 28.70 23.59 20.04
N SER A 27 28.29 24.83 20.28
CA SER A 27 29.20 25.96 20.37
C SER A 27 28.55 27.09 21.15
N PRO A 28 29.23 27.66 22.15
CA PRO A 28 28.70 28.84 22.83
C PRO A 28 28.86 30.08 21.98
N LEU A 29 28.03 31.08 22.30
CA LEU A 29 28.14 32.33 21.58
C LEU A 29 29.56 32.86 21.70
N PRO A 30 30.11 33.45 20.64
CA PRO A 30 31.50 33.94 20.72
C PRO A 30 31.73 34.93 21.84
N ASP A 31 30.69 35.65 22.26
CA ASP A 31 30.72 36.62 23.35
C ASP A 31 30.30 35.99 24.68
N ASN A 32 29.14 35.31 24.68
CA ASN A 32 28.59 34.68 25.88
C ASN A 32 28.93 33.20 25.84
N VAL A 33 29.83 32.78 26.73
CA VAL A 33 30.14 31.36 26.87
C VAL A 33 29.05 30.63 27.65
N MET A 34 28.23 31.34 28.42
CA MET A 34 27.20 30.70 29.22
C MET A 34 25.99 30.29 28.41
N VAL A 35 26.04 30.45 27.10
CA VAL A 35 24.92 30.13 26.21
C VAL A 35 25.46 29.36 25.03
N TRP A 36 24.85 28.21 24.72
CA TRP A 36 25.32 27.37 23.63
C TRP A 36 24.22 27.04 22.64
N ASN A 37 24.60 27.12 21.35
CA ASN A 37 23.85 26.54 20.24
C ASN A 37 24.29 25.10 20.07
N ALA A 38 23.36 24.17 20.16
CA ALA A 38 23.69 22.79 19.86
C ALA A 38 22.79 22.33 18.72
N MET A 39 23.13 21.17 18.18
CA MET A 39 22.24 20.50 17.26
C MET A 39 22.55 19.01 17.30
N ILE A 40 21.50 18.22 17.10
CA ILE A 40 21.52 16.76 17.13
C ILE A 40 21.02 16.26 15.78
N ILE A 41 21.58 15.15 15.30
CA ILE A 41 21.07 14.44 14.11
C ILE A 41 20.44 13.13 14.56
N GLY A 42 19.26 12.81 14.04
CA GLY A 42 18.59 11.58 14.43
C GLY A 42 19.22 10.37 13.75
N LEU A 43 19.28 9.26 14.50
CA LEU A 43 20.07 8.11 14.09
C LEU A 43 19.37 7.24 13.04
N ALA A 44 20.18 6.45 12.33
CA ALA A 44 19.66 5.49 11.37
C ALA A 44 18.76 4.47 12.06
N ASP A 45 17.82 3.91 11.29
CA ASP A 45 16.83 2.94 11.75
C ASP A 45 16.03 3.42 12.95
N THR A 46 16.09 4.69 13.26
CA THR A 46 15.17 5.31 14.19
C THR A 46 14.18 6.17 13.41
N PRO A 47 12.93 6.23 13.84
CA PRO A 47 11.97 7.11 13.15
C PRO A 47 12.41 8.56 13.11
N TYR A 48 13.38 8.97 13.93
CA TYR A 48 13.94 10.31 13.86
C TYR A 48 15.14 10.40 12.93
N GLU A 49 15.34 9.39 12.09
CA GLU A 49 16.50 9.31 11.23
C GLU A 49 16.66 10.58 10.41
N ASP A 50 17.91 11.02 10.26
CA ASP A 50 18.32 12.12 9.39
C ASP A 50 17.80 13.49 9.81
N GLY A 51 17.06 13.61 10.92
CA GLY A 51 16.63 14.92 11.37
C GLY A 51 17.78 15.83 11.71
N THR A 52 17.50 17.12 11.86
CA THR A 52 18.52 18.10 12.25
C THR A 52 17.89 19.07 13.25
N PHE A 53 17.93 18.71 14.52
CA PHE A 53 17.20 19.42 15.55
C PHE A 53 18.10 20.39 16.30
N ARG A 54 17.66 21.65 16.34
CA ARG A 54 18.38 22.72 17.01
C ARG A 54 18.05 22.73 18.49
N LEU A 55 19.06 23.05 19.30
CA LEU A 55 18.92 23.05 20.74
C LEU A 55 19.59 24.27 21.31
N LEU A 56 19.00 24.76 22.39
CA LEU A 56 19.53 25.87 23.16
C LEU A 56 19.84 25.41 24.58
N LEU A 57 21.05 25.74 25.03
CA LEU A 57 21.49 25.47 26.40
C LEU A 57 21.85 26.75 27.09
N GLU A 58 21.31 26.95 28.29
CA GLU A 58 21.52 28.12 29.11
C GLU A 58 22.25 27.71 30.39
N PHE A 59 23.43 28.32 30.63
CA PHE A 59 24.31 28.00 31.75
C PHE A 59 24.41 29.14 32.76
N ASP A 60 24.45 28.80 34.05
CA ASP A 60 24.74 29.74 35.13
C ASP A 60 26.04 29.34 35.82
N GLU A 61 26.44 30.12 36.83
CA GLU A 61 27.72 29.94 37.51
C GLU A 61 27.73 28.76 38.49
N GLU A 62 26.70 27.92 38.44
CA GLU A 62 26.58 26.72 39.26
C GLU A 62 27.01 25.46 38.49
N TYR A 63 27.73 25.62 37.35
CA TYR A 63 28.19 24.57 36.42
C TYR A 63 29.66 24.21 36.66
N PRO A 64 30.02 22.90 36.62
CA PRO A 64 29.18 21.72 36.35
C PRO A 64 28.37 21.14 37.51
N ASN A 65 28.23 21.82 38.64
CA ASN A 65 27.41 21.25 39.70
C ASN A 65 25.95 21.18 39.31
N LYS A 66 25.46 22.18 38.57
CA LYS A 66 24.07 22.25 38.13
C LYS A 66 23.99 22.05 36.63
N PRO A 67 23.11 21.18 36.14
CA PRO A 67 22.96 21.04 34.69
C PRO A 67 22.24 22.23 34.12
N PRO A 68 22.53 22.59 32.87
CA PRO A 68 21.91 23.77 32.26
C PRO A 68 20.47 23.49 31.84
N HIS A 69 19.79 24.57 31.45
CA HIS A 69 18.45 24.41 30.91
C HIS A 69 18.54 24.16 29.41
N VAL A 70 17.87 23.10 28.95
CA VAL A 70 17.99 22.65 27.57
C VAL A 70 16.60 22.56 26.96
N LYS A 71 16.46 23.11 25.75
CA LYS A 71 15.23 22.89 25.02
C LYS A 71 15.51 22.87 23.52
N PHE A 72 14.75 22.05 22.82
CA PHE A 72 14.81 22.09 21.38
C PHE A 72 14.14 23.35 20.88
N LEU A 73 14.78 23.99 19.93
CA LEU A 73 14.13 25.05 19.20
C LEU A 73 13.32 24.49 18.06
N SER A 74 13.84 23.47 17.38
CA SER A 74 13.11 22.88 16.29
C SER A 74 11.87 22.18 16.81
N GLU A 75 10.79 22.26 16.03
CA GLU A 75 9.55 21.58 16.39
C GLU A 75 9.86 20.13 16.72
N MET A 76 9.23 19.60 17.75
CA MET A 76 9.52 18.25 18.18
C MET A 76 8.23 17.47 18.34
N PHE A 77 8.38 16.13 18.38
CA PHE A 77 7.30 15.19 18.67
C PHE A 77 7.92 13.97 19.35
N HIS A 78 8.11 14.05 20.67
CA HIS A 78 8.67 12.95 21.42
C HIS A 78 7.94 12.81 22.75
N PRO A 79 7.73 11.58 23.22
CA PRO A 79 7.05 11.41 24.52
C PRO A 79 7.74 12.11 25.68
N ASN A 80 9.05 12.31 25.63
CA ASN A 80 9.77 12.98 26.72
C ASN A 80 10.06 14.43 26.40
N VAL A 81 9.19 15.08 25.64
CA VAL A 81 9.40 16.44 25.17
C VAL A 81 8.14 17.26 25.38
N TYR A 82 8.20 18.20 26.32
CA TYR A 82 7.14 19.17 26.49
C TYR A 82 7.14 20.14 25.34
N ALA A 83 5.95 20.69 25.05
CA ALA A 83 5.77 21.52 23.86
C ALA A 83 6.64 22.78 23.87
N ASN A 84 7.20 23.17 25.01
CA ASN A 84 8.12 24.29 25.03
C ASN A 84 9.56 23.86 24.74
N GLY A 85 9.80 22.58 24.53
CA GLY A 85 11.12 22.07 24.24
C GLY A 85 11.81 21.41 25.41
N GLU A 86 11.30 21.58 26.64
CA GLU A 86 11.90 20.93 27.81
C GLU A 86 11.87 19.42 27.67
N ILE A 87 12.77 18.75 28.39
CA ILE A 87 13.02 17.32 28.23
C ILE A 87 12.85 16.60 29.56
N CYS A 88 12.41 15.34 29.49
CA CYS A 88 12.20 14.53 30.68
C CYS A 88 13.21 13.40 30.77
N LEU A 89 14.51 13.73 30.76
CA LEU A 89 15.58 12.74 30.80
C LEU A 89 16.01 12.50 32.23
N ASP A 90 16.32 11.24 32.54
CA ASP A 90 16.60 10.90 33.93
C ASP A 90 17.94 11.45 34.40
N ILE A 91 18.92 11.58 33.50
CA ILE A 91 20.25 12.04 33.92
C ILE A 91 20.34 13.56 33.84
N LEU A 92 19.20 14.22 33.62
CA LEU A 92 19.15 15.67 33.71
C LEU A 92 18.50 16.17 34.99
N GLN A 93 17.48 15.46 35.48
CA GLN A 93 16.76 15.82 36.69
C GLN A 93 17.38 15.16 37.91
N ASN A 94 17.36 13.82 37.97
CA ASN A 94 17.61 13.09 39.20
C ASN A 94 18.67 12.01 39.05
N ARG A 95 19.48 12.09 38.00
CA ARG A 95 20.65 11.23 37.85
C ARG A 95 21.76 12.01 37.17
N TRP A 96 21.88 13.28 37.54
CA TRP A 96 22.91 14.14 36.97
C TRP A 96 24.16 14.07 37.84
N THR A 97 25.32 14.08 37.19
CA THR A 97 26.62 14.15 37.83
C THR A 97 27.44 15.21 37.11
N PRO A 98 28.34 15.90 37.80
CA PRO A 98 29.08 17.01 37.16
C PRO A 98 30.04 16.54 36.10
N THR A 99 30.39 15.25 36.07
CA THR A 99 31.37 14.77 35.12
C THR A 99 30.77 14.61 33.71
N TYR A 100 29.45 14.73 33.58
CA TYR A 100 28.80 14.81 32.28
C TYR A 100 29.06 16.18 31.66
N ASP A 101 29.58 16.18 30.45
CA ASP A 101 29.85 17.40 29.70
C ASP A 101 28.77 17.63 28.66
N VAL A 102 28.97 18.66 27.83
CA VAL A 102 28.05 18.94 26.73
C VAL A 102 27.98 17.76 25.76
N ALA A 103 29.13 17.17 25.42
CA ALA A 103 29.13 16.07 24.47
C ALA A 103 28.38 14.86 25.01
N SER A 104 28.46 14.60 26.31
CA SER A 104 27.74 13.43 26.81
C SER A 104 26.27 13.75 27.03
N ILE A 105 25.94 15.03 27.19
CA ILE A 105 24.54 15.41 27.36
C ILE A 105 23.80 15.33 26.02
N LEU A 106 24.38 15.90 24.96
CA LEU A 106 23.73 15.82 23.65
C LEU A 106 23.46 14.38 23.25
N THR A 107 24.46 13.50 23.46
CA THR A 107 24.28 12.11 23.06
C THR A 107 23.33 11.37 23.99
N SER A 108 23.34 11.67 25.30
CA SER A 108 22.33 11.10 26.20
C SER A 108 20.93 11.52 25.82
N ILE A 109 20.83 12.58 25.02
CA ILE A 109 19.50 13.03 24.52
C ILE A 109 19.23 12.27 23.22
N GLN A 110 20.24 12.19 22.34
CA GLN A 110 20.07 11.50 21.04
C GLN A 110 19.50 10.11 21.29
N SER A 111 20.04 9.40 22.28
CA SER A 111 19.60 8.01 22.56
C SER A 111 18.09 7.98 22.76
N LEU A 112 17.53 9.05 23.32
CA LEU A 112 16.08 9.05 23.62
C LEU A 112 15.29 8.86 22.32
N PHE A 113 15.81 9.35 21.19
CA PHE A 113 15.04 9.22 19.95
C PHE A 113 14.69 7.77 19.70
N ASN A 114 15.71 6.93 19.46
CA ASN A 114 15.50 5.51 19.17
C ASN A 114 14.91 4.78 20.36
N ASP A 115 15.34 5.14 21.59
CA ASP A 115 14.84 4.57 22.84
C ASP A 115 14.04 5.63 23.60
N PRO A 116 12.78 5.91 23.19
CA PRO A 116 11.93 6.79 24.00
C PRO A 116 11.65 6.22 25.38
N ASN A 117 10.97 6.97 26.22
CA ASN A 117 10.61 6.52 27.57
C ASN A 117 9.17 6.95 27.85
N PRO A 118 8.18 6.17 27.39
CA PRO A 118 6.80 6.48 27.77
C PRO A 118 6.50 6.25 29.24
N ALA A 119 7.52 5.90 30.05
CA ALA A 119 7.31 5.75 31.48
C ALA A 119 7.21 7.10 32.20
N SER A 120 7.91 8.13 31.73
CA SER A 120 7.78 9.48 32.25
C SER A 120 7.32 10.41 31.13
N PRO A 121 6.08 10.23 30.66
CA PRO A 121 5.66 10.93 29.44
C PRO A 121 5.47 12.43 29.69
N ALA A 122 6.07 13.24 28.83
CA ALA A 122 5.95 14.68 28.87
C ALA A 122 5.08 15.24 27.75
N ASN A 123 4.86 14.47 26.70
CA ASN A 123 3.96 14.84 25.62
C ASN A 123 2.97 13.68 25.48
N VAL A 124 1.71 13.93 25.85
CA VAL A 124 0.71 12.87 25.94
C VAL A 124 0.54 12.17 24.59
N GLU A 125 0.27 12.96 23.55
CA GLU A 125 0.00 12.41 22.23
C GLU A 125 1.10 11.45 21.79
N ALA A 126 2.35 11.85 22.01
CA ALA A 126 3.48 11.09 21.52
C ALA A 126 3.56 9.71 22.18
N ALA A 127 3.44 9.67 23.52
CA ALA A 127 3.46 8.39 24.20
C ALA A 127 2.26 7.54 23.82
N THR A 128 1.12 8.17 23.53
CA THR A 128 -0.08 7.45 23.10
C THR A 128 0.12 6.71 21.79
N LEU A 129 0.31 7.45 20.70
CA LEU A 129 0.51 6.81 19.40
C LEU A 129 1.64 5.80 19.44
N PHE A 130 2.65 6.05 20.26
CA PHE A 130 3.73 5.12 20.47
C PHE A 130 3.24 3.76 20.94
N LYS A 131 1.99 3.64 21.36
CA LYS A 131 1.43 2.36 21.73
C LYS A 131 0.19 1.97 20.94
N ASP A 132 -0.50 2.91 20.31
CA ASP A 132 -1.71 2.59 19.58
C ASP A 132 -1.45 2.51 18.08
N HIS A 133 -1.29 3.66 17.43
CA HIS A 133 -1.10 3.72 15.98
C HIS A 133 0.38 3.99 15.71
N LYS A 134 1.18 2.93 15.80
CA LYS A 134 2.62 3.07 15.65
C LYS A 134 2.98 3.65 14.28
N SER A 135 2.32 3.15 13.23
CA SER A 135 2.52 3.72 11.90
C SER A 135 2.21 5.22 11.89
N GLN A 136 1.08 5.61 12.49
CA GLN A 136 0.70 7.02 12.49
C GLN A 136 1.71 7.84 13.29
N TYR A 137 2.23 7.27 14.37
CA TYR A 137 3.28 7.91 15.15
C TYR A 137 4.50 8.18 14.31
N VAL A 138 4.91 7.19 13.51
CA VAL A 138 6.05 7.38 12.62
C VAL A 138 5.76 8.53 11.65
N LYS A 139 4.51 8.64 11.19
CA LYS A 139 4.14 9.72 10.26
C LYS A 139 4.38 11.08 10.89
N ARG A 140 3.88 11.28 12.11
CA ARG A 140 4.06 12.57 12.78
C ARG A 140 5.53 12.87 13.04
N VAL A 141 6.30 11.87 13.48
CA VAL A 141 7.74 12.07 13.67
C VAL A 141 8.40 12.49 12.36
N LYS A 142 7.93 11.94 11.24
CA LYS A 142 8.51 12.29 9.94
C LYS A 142 8.20 13.74 9.56
N GLU A 143 6.99 14.20 9.87
CA GLU A 143 6.72 15.63 9.75
C GLU A 143 7.74 16.44 10.54
N THR A 144 7.97 16.04 11.80
CA THR A 144 8.96 16.72 12.63
C THR A 144 10.30 16.80 11.93
N VAL A 145 10.76 15.65 11.43
CA VAL A 145 12.08 15.55 10.82
C VAL A 145 12.19 16.50 9.64
N GLU A 146 11.17 16.49 8.78
CA GLU A 146 11.28 17.30 7.56
C GLU A 146 11.26 18.78 7.90
N LYS A 147 10.40 19.20 8.85
CA LYS A 147 10.43 20.59 9.26
C LYS A 147 11.80 20.97 9.82
N SER A 148 12.47 20.03 10.49
CA SER A 148 13.76 20.35 11.10
C SER A 148 14.81 20.75 10.08
N TRP A 149 14.58 20.48 8.79
CA TRP A 149 15.56 20.82 7.78
C TRP A 149 15.47 22.26 7.31
N GLU A 150 14.52 23.03 7.83
CA GLU A 150 14.42 24.44 7.50
C GLU A 150 15.48 25.28 8.22
N SER B 15 34.35 19.43 5.54
CA SER B 15 35.17 19.58 6.77
C SER B 15 35.81 18.24 7.14
N ASP B 16 37.09 18.26 7.51
CA ASP B 16 37.79 17.02 7.93
C ASP B 16 36.93 16.32 8.99
N PRO B 17 36.78 14.98 8.96
CA PRO B 17 36.02 14.25 9.97
C PRO B 17 36.46 14.74 11.35
N SER B 18 37.76 15.01 11.51
CA SER B 18 38.27 15.56 12.79
C SER B 18 38.20 17.08 12.74
N GLU B 19 36.99 17.64 12.63
CA GLU B 19 36.83 19.12 12.63
C GLU B 19 35.40 19.47 13.02
N PRO B 20 35.16 20.22 14.12
CA PRO B 20 33.82 20.61 14.52
C PRO B 20 33.01 20.88 13.25
N LEU B 21 31.84 20.24 13.11
CA LEU B 21 31.10 20.41 11.87
C LEU B 21 30.73 21.87 11.64
N THR B 22 30.92 22.35 10.43
CA THR B 22 30.74 23.77 10.19
C THR B 22 29.34 24.07 9.66
N GLN B 23 29.04 25.36 9.51
CA GLN B 23 27.72 25.76 9.05
C GLN B 23 27.49 25.39 7.59
N SER B 24 28.55 25.31 6.78
CA SER B 24 28.37 24.82 5.41
C SER B 24 28.07 23.34 5.41
N ASP B 25 28.81 22.59 6.24
CA ASP B 25 28.64 21.15 6.31
C ASP B 25 27.19 20.78 6.60
N VAL B 26 26.56 21.49 7.54
CA VAL B 26 25.20 21.12 7.97
C VAL B 26 24.21 21.29 6.82
N ILE B 27 24.31 22.41 6.11
CA ILE B 27 23.43 22.64 4.99
C ILE B 27 23.61 21.55 3.95
N ALA B 28 24.87 21.14 3.75
CA ALA B 28 25.16 20.06 2.79
C ALA B 28 24.49 18.75 3.21
N PHE B 29 24.58 18.42 4.49
CA PHE B 29 23.96 17.19 4.95
C PHE B 29 22.46 17.23 4.68
N GLN B 30 21.83 18.36 5.00
CA GLN B 30 20.39 18.49 4.80
C GLN B 30 20.02 18.34 3.33
N LYS B 31 20.83 18.88 2.42
CA LYS B 31 20.49 18.72 1.01
C LYS B 31 20.54 17.25 0.58
N GLU B 32 21.55 16.51 1.01
CA GLU B 32 21.54 15.09 0.66
C GLU B 32 20.38 14.33 1.35
N ALA B 33 19.99 14.75 2.56
CA ALA B 33 18.83 14.14 3.20
C ALA B 33 17.55 14.47 2.45
N LEU B 34 17.47 15.71 1.94
CA LEU B 34 16.35 16.11 1.09
C LEU B 34 16.28 15.25 -0.16
N PHE B 35 17.40 15.11 -0.89
CA PHE B 35 17.37 14.24 -2.06
C PHE B 35 16.92 12.84 -1.68
N ARG B 36 17.46 12.29 -0.60
CA ARG B 36 17.04 10.95 -0.21
C ARG B 36 15.53 10.90 -0.07
N CYS B 37 14.95 11.93 0.55
CA CYS B 37 13.51 11.94 0.71
C CYS B 37 12.80 12.12 -0.63
N ILE B 38 13.34 12.99 -1.46
CA ILE B 38 12.73 13.25 -2.76
C ILE B 38 12.74 11.99 -3.61
N ASN B 39 13.89 11.34 -3.70
CA ASN B 39 14.01 10.12 -4.47
C ASN B 39 13.15 9.01 -3.86
N ARG B 40 12.87 9.08 -2.55
CA ARG B 40 12.03 8.05 -1.97
C ARG B 40 10.58 8.23 -2.40
N ARG B 41 10.10 9.46 -2.36
CA ARG B 41 8.73 9.70 -2.79
C ARG B 41 8.59 9.54 -4.30
N ARG B 42 9.67 9.81 -5.04
CA ARG B 42 9.68 9.62 -6.49
C ARG B 42 9.58 8.15 -6.88
N VAL B 43 10.45 7.31 -6.29
CA VAL B 43 10.31 5.87 -6.48
C VAL B 43 8.90 5.42 -6.12
N ASP B 44 8.38 5.90 -4.99
CA ASP B 44 7.09 5.40 -4.53
C ASP B 44 5.99 5.84 -5.49
N PHE B 45 6.16 7.02 -6.05
CA PHE B 45 5.23 7.56 -7.03
C PHE B 45 5.23 6.74 -8.32
N GLU B 46 6.39 6.48 -8.88
CA GLU B 46 6.44 5.76 -10.14
C GLU B 46 6.03 4.31 -9.98
N ALA B 47 6.28 3.71 -8.81
CA ALA B 47 5.68 2.42 -8.54
C ALA B 47 4.15 2.53 -8.56
N LEU B 48 3.61 3.63 -8.05
CA LEU B 48 2.15 3.81 -8.15
C LEU B 48 1.73 3.97 -9.60
N ARG B 49 2.49 4.74 -10.38
CA ARG B 49 2.29 4.85 -11.82
C ARG B 49 2.16 3.48 -12.48
N LYS B 50 3.05 2.55 -12.13
CA LYS B 50 3.00 1.21 -12.73
C LYS B 50 1.73 0.46 -12.30
N GLN B 51 1.40 0.48 -11.01
CA GLN B 51 0.16 -0.18 -10.59
C GLN B 51 -1.04 0.42 -11.30
N TYR B 52 -1.00 1.73 -11.56
CA TYR B 52 -2.12 2.42 -12.20
C TYR B 52 -2.26 2.03 -13.67
N GLU B 53 -1.17 2.15 -14.43
CA GLU B 53 -1.20 1.74 -15.82
C GLU B 53 -1.70 0.30 -15.95
N LEU B 54 -1.17 -0.57 -15.10
CA LEU B 54 -1.67 -1.94 -15.08
C LEU B 54 -3.18 -2.00 -14.85
N SER B 55 -3.68 -1.26 -13.88
CA SER B 55 -5.11 -1.42 -13.63
C SER B 55 -5.94 -0.79 -14.76
N ARG B 56 -5.39 0.16 -15.50
CA ARG B 56 -6.11 0.65 -16.66
C ARG B 56 -6.16 -0.42 -17.76
N ARG B 57 -5.01 -1.03 -18.06
CA ARG B 57 -4.99 -2.15 -18.99
C ARG B 57 -6.01 -3.22 -18.60
N GLU B 58 -6.04 -3.57 -17.32
CA GLU B 58 -6.99 -4.58 -16.87
C GLU B 58 -8.43 -4.14 -17.03
N CYS B 59 -8.72 -2.85 -16.81
CA CYS B 59 -10.09 -2.36 -17.04
C CYS B 59 -10.48 -2.49 -18.49
N ILE B 60 -9.58 -2.07 -19.38
CA ILE B 60 -9.84 -2.25 -20.80
C ILE B 60 -10.24 -3.69 -21.09
N ASP B 61 -9.46 -4.65 -20.52
CA ASP B 61 -9.61 -6.04 -20.94
C ASP B 61 -10.85 -6.68 -20.34
N VAL B 62 -11.13 -6.40 -19.08
CA VAL B 62 -12.34 -6.98 -18.53
C VAL B 62 -13.54 -6.38 -19.21
N SER B 63 -13.50 -5.09 -19.57
CA SER B 63 -14.69 -4.51 -20.15
C SER B 63 -14.94 -4.97 -21.56
N ARG B 64 -13.88 -5.31 -22.30
CA ARG B 64 -14.07 -5.88 -23.62
C ARG B 64 -14.72 -7.27 -23.49
N LYS B 65 -14.18 -8.09 -22.59
CA LYS B 65 -14.85 -9.37 -22.29
C LYS B 65 -16.30 -9.16 -21.85
N LEU B 66 -16.56 -8.10 -21.08
CA LEU B 66 -17.88 -7.90 -20.52
C LEU B 66 -18.87 -7.58 -21.62
N ALA B 67 -18.53 -6.60 -22.46
CA ALA B 67 -19.28 -6.26 -23.66
C ALA B 67 -19.73 -7.54 -24.31
N ASN B 68 -18.76 -8.49 -24.44
CA ASN B 68 -18.96 -9.65 -25.34
C ASN B 68 -19.85 -10.70 -24.71
N ILE B 69 -19.66 -10.97 -23.42
CA ILE B 69 -20.50 -12.03 -22.89
C ILE B 69 -21.90 -11.46 -22.67
N MET B 70 -22.00 -10.18 -22.31
CA MET B 70 -23.31 -9.53 -22.30
C MET B 70 -24.00 -9.65 -23.67
N ALA B 71 -23.25 -9.50 -24.76
CA ALA B 71 -23.81 -9.77 -26.07
C ALA B 71 -24.44 -11.15 -26.09
N LEU B 72 -23.69 -12.16 -25.65
CA LEU B 72 -24.29 -13.51 -25.58
C LEU B 72 -25.52 -13.55 -24.67
N ILE B 73 -25.53 -12.75 -23.60
CA ILE B 73 -26.66 -12.74 -22.69
C ILE B 73 -27.90 -12.19 -23.38
N VAL B 74 -27.74 -11.07 -24.06
CA VAL B 74 -28.82 -10.51 -24.85
C VAL B 74 -29.35 -11.58 -25.80
N THR B 75 -28.44 -12.24 -26.54
CA THR B 75 -28.84 -13.33 -27.42
C THR B 75 -29.71 -14.34 -26.68
N LEU B 76 -29.21 -14.78 -25.52
CA LEU B 76 -29.82 -15.83 -24.73
C LEU B 76 -31.20 -15.40 -24.24
N ALA B 77 -31.29 -14.14 -23.80
CA ALA B 77 -32.51 -13.56 -23.29
C ALA B 77 -33.56 -13.49 -24.38
N ARG B 78 -33.16 -13.05 -25.57
CA ARG B 78 -34.12 -13.01 -26.69
C ARG B 78 -34.68 -14.42 -26.90
N PHE B 79 -33.80 -15.41 -27.07
CA PHE B 79 -34.24 -16.80 -27.34
C PHE B 79 -35.29 -17.25 -26.32
N ILE B 80 -34.96 -17.14 -25.04
CA ILE B 80 -35.90 -17.66 -23.99
C ILE B 80 -37.24 -16.95 -24.13
N GLU B 81 -37.21 -15.65 -24.41
CA GLU B 81 -38.47 -14.86 -24.49
C GLU B 81 -39.44 -15.61 -25.41
N THR B 82 -38.92 -16.23 -26.48
CA THR B 82 -39.80 -16.89 -27.47
C THR B 82 -40.56 -18.07 -26.85
N PHE B 83 -40.24 -18.46 -25.61
CA PHE B 83 -40.87 -19.67 -25.03
C PHE B 83 -41.64 -19.34 -23.76
N CYS B 84 -41.51 -18.12 -23.25
CA CYS B 84 -42.13 -17.79 -21.94
C CYS B 84 -43.65 -17.97 -21.97
N THR B 85 -44.24 -18.47 -20.88
CA THR B 85 -45.69 -18.61 -20.77
C THR B 85 -46.35 -17.39 -20.16
N ASP B 86 -45.73 -16.85 -19.10
CA ASP B 86 -46.33 -15.77 -18.33
C ASP B 86 -45.67 -14.44 -18.66
N ALA B 87 -46.46 -13.38 -18.48
CA ALA B 87 -46.08 -12.05 -18.95
C ALA B 87 -44.90 -11.50 -18.17
N ASN B 88 -44.89 -11.69 -16.84
CA ASN B 88 -43.75 -11.25 -16.05
C ASN B 88 -42.45 -11.87 -16.55
N GLU B 89 -42.52 -13.13 -17.01
CA GLU B 89 -41.35 -13.78 -17.57
C GLU B 89 -40.92 -13.08 -18.86
N LYS B 90 -41.87 -12.91 -19.79
CA LYS B 90 -41.57 -12.22 -21.04
C LYS B 90 -40.91 -10.88 -20.76
N GLN B 91 -41.51 -10.09 -19.86
CA GLN B 91 -40.99 -8.76 -19.56
C GLN B 91 -39.57 -8.82 -19.01
N LEU B 92 -39.30 -9.79 -18.13
CA LEU B 92 -37.94 -9.92 -17.61
C LEU B 92 -36.95 -10.22 -18.75
N CYS B 93 -37.32 -11.12 -19.64
CA CYS B 93 -36.41 -11.41 -20.74
C CYS B 93 -36.18 -10.18 -21.59
N ARG B 94 -37.25 -9.47 -21.96
CA ARG B 94 -37.10 -8.33 -22.85
C ARG B 94 -36.26 -7.25 -22.20
N GLU B 95 -36.49 -7.00 -20.91
CA GLU B 95 -35.69 -6.07 -20.13
C GLU B 95 -34.22 -6.49 -20.07
N ILE B 96 -33.95 -7.76 -19.73
CA ILE B 96 -32.58 -8.24 -19.73
C ILE B 96 -31.98 -8.10 -21.10
N ALA B 97 -32.80 -8.40 -22.10
CA ALA B 97 -32.41 -8.41 -23.50
C ALA B 97 -31.98 -7.05 -23.97
N GLN B 98 -32.41 -5.98 -23.28
CA GLN B 98 -31.95 -4.67 -23.69
C GLN B 98 -30.44 -4.50 -23.57
N GLY B 99 -29.77 -5.40 -22.87
CA GLY B 99 -28.33 -5.29 -22.66
C GLY B 99 -27.93 -4.24 -21.66
N ASP B 100 -28.79 -3.96 -20.68
CA ASP B 100 -28.40 -3.22 -19.48
C ASP B 100 -27.50 -4.07 -18.55
N GLU B 101 -26.35 -3.50 -18.16
CA GLU B 101 -25.38 -4.22 -17.36
C GLU B 101 -25.80 -4.36 -15.91
N THR B 102 -26.76 -3.58 -15.42
CA THR B 102 -27.14 -3.81 -14.03
C THR B 102 -28.31 -4.77 -13.91
N LEU B 103 -29.34 -4.63 -14.75
CA LEU B 103 -30.57 -5.39 -14.51
C LEU B 103 -30.25 -6.88 -14.33
N ILE B 104 -29.12 -7.32 -14.91
CA ILE B 104 -28.74 -8.71 -14.91
C ILE B 104 -28.10 -9.14 -13.59
N VAL B 105 -27.46 -8.22 -12.87
CA VAL B 105 -27.12 -8.52 -11.50
C VAL B 105 -28.38 -8.57 -10.65
N GLN B 106 -29.16 -7.50 -10.66
CA GLN B 106 -30.36 -7.43 -9.84
C GLN B 106 -31.34 -8.58 -10.03
N ARG B 107 -31.32 -9.27 -11.16
CA ARG B 107 -32.31 -10.32 -11.42
C ARG B 107 -31.64 -11.61 -11.88
N SER B 108 -30.35 -11.73 -11.54
CA SER B 108 -29.54 -12.87 -11.95
C SER B 108 -30.20 -14.18 -11.53
N ASP B 109 -30.72 -14.24 -10.31
CA ASP B 109 -31.38 -15.45 -9.84
C ASP B 109 -32.58 -15.79 -10.69
N SER B 110 -33.48 -14.81 -10.89
CA SER B 110 -34.72 -15.06 -11.60
C SER B 110 -34.44 -15.49 -13.04
N PHE B 111 -33.36 -14.95 -13.61
CA PHE B 111 -33.02 -15.34 -14.97
C PHE B 111 -32.48 -16.75 -15.01
N MET B 112 -31.56 -17.07 -14.10
CA MET B 112 -31.07 -18.43 -14.03
C MET B 112 -32.26 -19.39 -13.96
N LYS B 113 -33.22 -19.08 -13.08
CA LYS B 113 -34.36 -19.98 -12.93
C LYS B 113 -35.11 -20.11 -14.22
N LEU B 114 -35.20 -19.04 -15.03
CA LEU B 114 -35.85 -19.15 -16.33
C LEU B 114 -35.09 -20.08 -17.26
N LEU B 115 -33.77 -19.96 -17.29
CA LEU B 115 -32.99 -20.84 -18.16
C LEU B 115 -33.21 -22.30 -17.78
N THR B 116 -33.16 -22.61 -16.48
CA THR B 116 -33.40 -24.00 -16.11
C THR B 116 -34.88 -24.35 -16.27
N LYS B 117 -35.76 -23.36 -16.35
CA LYS B 117 -37.17 -23.68 -16.51
C LYS B 117 -37.49 -24.05 -17.94
N TYR B 118 -36.98 -23.29 -18.91
CA TYR B 118 -37.37 -23.53 -20.32
C TYR B 118 -36.26 -24.22 -21.12
N GLY B 119 -35.00 -23.95 -20.80
CA GLY B 119 -33.89 -24.53 -21.60
C GLY B 119 -34.01 -26.04 -21.69
N LYS B 120 -34.65 -26.67 -20.70
CA LYS B 120 -34.77 -28.14 -20.67
C LYS B 120 -35.93 -28.58 -21.57
N PRO B 121 -35.95 -29.84 -22.05
CA PRO B 121 -37.07 -30.34 -22.84
C PRO B 121 -38.26 -30.69 -21.94
N SER B 130 -42.97 -32.11 -10.72
CA SER B 130 -42.87 -32.75 -9.41
C SER B 130 -41.97 -31.92 -8.49
N ASN B 131 -41.56 -32.50 -7.36
CA ASN B 131 -40.75 -31.79 -6.38
C ASN B 131 -39.28 -31.75 -6.77
N ALA B 132 -38.79 -32.85 -7.34
CA ALA B 132 -37.39 -32.96 -7.73
C ALA B 132 -36.98 -31.84 -8.67
N SER B 133 -37.83 -31.52 -9.64
CA SER B 133 -37.54 -30.46 -10.61
C SER B 133 -37.29 -29.12 -9.92
N ASP B 134 -38.19 -28.74 -9.01
CA ASP B 134 -38.07 -27.46 -8.31
C ASP B 134 -36.82 -27.44 -7.43
N HIS B 135 -36.49 -28.59 -6.84
CA HIS B 135 -35.32 -28.68 -5.99
C HIS B 135 -34.02 -28.53 -6.79
N ILE B 136 -33.95 -29.13 -7.98
CA ILE B 136 -32.82 -28.92 -8.90
C ILE B 136 -32.72 -27.44 -9.30
N GLN B 137 -33.87 -26.78 -9.52
CA GLN B 137 -33.82 -25.34 -9.78
C GLN B 137 -33.09 -24.60 -8.66
N GLU B 138 -33.50 -24.83 -7.40
CA GLU B 138 -32.83 -24.19 -6.27
C GLU B 138 -31.34 -24.48 -6.27
N LEU B 139 -31.00 -25.75 -6.45
CA LEU B 139 -29.60 -26.16 -6.41
C LEU B 139 -28.79 -25.47 -7.48
N THR B 140 -29.31 -25.40 -8.72
CA THR B 140 -28.56 -24.78 -9.80
C THR B 140 -28.41 -23.29 -9.59
N THR B 141 -29.44 -22.63 -9.06
CA THR B 141 -29.29 -21.22 -8.72
C THR B 141 -28.10 -21.05 -7.78
N GLU B 142 -28.08 -21.88 -6.71
CA GLU B 142 -26.99 -21.84 -5.73
C GLU B 142 -25.63 -22.08 -6.38
N LEU B 143 -25.58 -23.04 -7.30
CA LEU B 143 -24.35 -23.31 -8.04
C LEU B 143 -23.89 -22.08 -8.78
N LYS B 144 -24.83 -21.37 -9.39
CA LYS B 144 -24.49 -20.13 -10.14
C LYS B 144 -23.88 -19.11 -9.16
N ASN B 145 -24.56 -18.89 -8.03
CA ASN B 145 -24.07 -17.87 -7.08
C ASN B 145 -22.65 -18.22 -6.64
N LEU B 146 -22.44 -19.46 -6.20
CA LEU B 146 -21.08 -19.89 -5.77
C LEU B 146 -20.10 -19.63 -6.90
N ARG B 147 -20.39 -20.15 -8.09
CA ARG B 147 -19.53 -19.85 -9.23
C ARG B 147 -19.25 -18.35 -9.36
N LYS B 148 -20.29 -17.53 -9.28
CA LYS B 148 -20.10 -16.09 -9.36
C LYS B 148 -18.96 -15.70 -8.43
N SER B 149 -19.09 -16.09 -7.14
CA SER B 149 -18.11 -15.78 -6.09
C SER B 149 -16.73 -16.30 -6.43
N LYS B 150 -16.68 -17.55 -6.88
CA LYS B 150 -15.43 -18.13 -7.30
C LYS B 150 -14.80 -17.29 -8.41
N GLU B 151 -15.63 -16.78 -9.32
CA GLU B 151 -15.17 -16.02 -10.47
C GLU B 151 -14.69 -14.63 -10.10
N GLU B 152 -15.47 -13.93 -9.28
CA GLU B 152 -15.00 -12.69 -8.67
C GLU B 152 -13.60 -12.91 -8.10
N LEU B 153 -13.49 -13.85 -7.15
CA LEU B 153 -12.21 -14.12 -6.50
C LEU B 153 -11.11 -14.47 -7.50
N PHE B 154 -11.43 -15.28 -8.50
CA PHE B 154 -10.45 -15.62 -9.51
C PHE B 154 -9.97 -14.39 -10.28
N TYR B 155 -10.88 -13.48 -10.64
CA TYR B 155 -10.45 -12.27 -11.33
C TYR B 155 -9.63 -11.37 -10.40
N GLU B 156 -10.09 -11.17 -9.15
CA GLU B 156 -9.34 -10.33 -8.22
C GLU B 156 -7.94 -10.87 -8.08
N ASN B 157 -7.85 -12.18 -7.87
CA ASN B 157 -6.53 -12.79 -7.59
C ASN B 157 -5.61 -12.65 -8.81
N SER B 158 -6.15 -12.85 -10.01
CA SER B 158 -5.33 -12.69 -11.23
C SER B 158 -4.75 -11.27 -11.25
N GLN B 159 -5.61 -10.28 -11.04
CA GLN B 159 -5.15 -8.86 -11.10
C GLN B 159 -4.09 -8.63 -10.03
N LEU B 160 -4.31 -9.18 -8.83
CA LEU B 160 -3.34 -8.99 -7.71
C LEU B 160 -2.00 -9.56 -8.15
N THR B 161 -1.99 -10.79 -8.65
CA THR B 161 -0.72 -11.46 -9.05
C THR B 161 -0.04 -10.59 -10.10
N GLU B 162 -0.81 -10.06 -11.04
CA GLU B 162 -0.23 -9.17 -12.07
C GLU B 162 0.40 -7.98 -11.36
N GLU B 163 -0.33 -7.39 -10.40
CA GLU B 163 0.22 -6.25 -9.67
C GLU B 163 1.57 -6.60 -9.06
N ILE B 164 1.62 -7.73 -8.35
CA ILE B 164 2.87 -8.15 -7.71
C ILE B 164 3.97 -8.21 -8.73
N SER B 165 3.67 -8.81 -9.88
CA SER B 165 4.68 -8.96 -10.93
C SER B 165 5.14 -7.61 -11.45
N ALA B 166 4.20 -6.69 -11.65
CA ALA B 166 4.56 -5.37 -12.16
C ALA B 166 5.51 -4.67 -11.20
N LEU B 167 5.14 -4.67 -9.92
CA LEU B 167 5.95 -4.01 -8.91
C LEU B 167 7.33 -4.63 -8.80
N LYS B 168 7.39 -5.97 -8.75
CA LYS B 168 8.67 -6.65 -8.66
C LYS B 168 9.58 -6.23 -9.80
N GLU B 169 9.02 -6.23 -11.01
CA GLU B 169 9.84 -5.85 -12.16
C GLU B 169 10.31 -4.41 -12.01
N TYR B 170 9.45 -3.55 -11.46
CA TYR B 170 9.82 -2.14 -11.31
C TYR B 170 10.99 -2.00 -10.36
N TYR B 171 10.78 -2.43 -9.11
CA TYR B 171 11.76 -2.19 -8.07
C TYR B 171 13.11 -2.84 -8.40
N THR B 172 13.06 -4.11 -8.86
CA THR B 172 14.30 -4.83 -9.13
C THR B 172 15.18 -4.10 -10.13
N ASN B 173 14.58 -3.38 -11.10
CA ASN B 173 15.42 -2.69 -12.07
C ASN B 173 16.15 -1.52 -11.45
N ILE B 174 15.48 -0.78 -10.56
CA ILE B 174 16.16 0.33 -9.91
C ILE B 174 17.31 -0.20 -9.07
N ILE B 175 17.03 -1.26 -8.29
CA ILE B 175 18.05 -1.83 -7.42
C ILE B 175 19.22 -2.32 -8.26
N ARG B 176 18.94 -2.97 -9.39
CA ARG B 176 19.99 -3.43 -10.28
C ARG B 176 20.74 -2.27 -10.94
N LYS B 177 20.06 -1.13 -11.18
CA LYS B 177 20.76 0.05 -11.68
C LYS B 177 21.76 0.55 -10.67
N TYR B 178 21.42 0.42 -9.38
CA TYR B 178 22.39 0.73 -8.32
C TYR B 178 23.54 -0.27 -8.28
N ASP B 179 23.25 -1.56 -8.48
CA ASP B 179 24.32 -2.57 -8.52
C ASP B 179 25.29 -2.32 -9.69
N ARG B 180 24.78 -2.05 -10.90
CA ARG B 180 25.65 -1.60 -12.00
C ARG B 180 26.42 -0.33 -11.66
N ASP B 181 25.97 0.44 -10.65
CA ASP B 181 26.75 1.56 -10.09
C ASP B 181 27.87 1.08 -9.17
N GLU B 182 28.10 -0.24 -9.09
CA GLU B 182 29.11 -0.86 -8.23
C GLU B 182 28.87 -0.46 -6.79
N LEU C 21 18.11 15.27 -9.34
CA LEU C 21 17.69 14.01 -9.93
C LEU C 21 18.51 12.82 -9.42
N THR C 22 19.84 12.93 -9.47
CA THR C 22 20.73 12.00 -8.79
C THR C 22 21.19 12.62 -7.48
N GLN C 23 21.71 11.78 -6.58
CA GLN C 23 22.09 12.27 -5.22
C GLN C 23 23.26 13.25 -5.32
N SER C 24 24.32 12.88 -6.06
CA SER C 24 25.53 13.72 -6.13
C SER C 24 25.19 15.15 -6.57
N ASP C 25 24.14 15.32 -7.38
CA ASP C 25 23.83 16.66 -7.93
C ASP C 25 23.08 17.51 -6.91
N VAL C 26 22.48 16.89 -5.90
CA VAL C 26 21.65 17.68 -4.98
C VAL C 26 22.38 18.88 -4.40
N ILE C 27 23.71 18.83 -4.34
CA ILE C 27 24.49 19.95 -3.80
C ILE C 27 24.22 21.23 -4.58
N ALA C 28 24.00 21.12 -5.88
CA ALA C 28 23.88 22.31 -6.72
C ALA C 28 22.51 22.99 -6.64
N PHE C 29 21.47 22.26 -6.23
CA PHE C 29 20.14 22.82 -6.14
C PHE C 29 20.05 23.70 -4.88
N GLN C 30 18.94 24.42 -4.73
CA GLN C 30 18.67 25.26 -3.57
C GLN C 30 17.71 24.58 -2.61
N LYS C 31 17.87 24.83 -1.32
CA LYS C 31 17.04 24.17 -0.30
C LYS C 31 15.58 24.54 -0.47
N GLU C 32 15.31 25.83 -0.63
CA GLU C 32 13.94 26.32 -0.75
C GLU C 32 13.22 25.66 -1.90
N ALA C 33 13.96 25.31 -2.95
CA ALA C 33 13.36 24.62 -4.08
C ALA C 33 13.14 23.14 -3.80
N LEU C 34 14.01 22.52 -2.99
CA LEU C 34 13.85 21.10 -2.71
C LEU C 34 12.56 20.87 -1.94
N PHE C 35 12.23 21.80 -1.05
CA PHE C 35 10.93 21.70 -0.39
C PHE C 35 9.81 21.74 -1.43
N ARG C 36 9.91 22.67 -2.38
CA ARG C 36 8.84 22.79 -3.36
C ARG C 36 8.75 21.54 -4.20
N CYS C 37 9.89 20.96 -4.56
CA CYS C 37 9.84 19.68 -5.26
C CYS C 37 9.10 18.66 -4.43
N ILE C 38 9.31 18.66 -3.12
CA ILE C 38 8.62 17.68 -2.28
C ILE C 38 7.12 17.92 -2.28
N ASN C 39 6.70 19.18 -2.32
CA ASN C 39 5.25 19.41 -2.34
C ASN C 39 4.67 19.12 -3.72
N ARG C 40 5.39 19.49 -4.77
CA ARG C 40 5.06 19.07 -6.12
C ARG C 40 4.77 17.57 -6.16
N ARG C 41 5.68 16.77 -5.61
CA ARG C 41 5.54 15.33 -5.66
C ARG C 41 4.40 14.86 -4.76
N ARG C 42 4.21 15.52 -3.62
CA ARG C 42 3.15 15.10 -2.70
C ARG C 42 1.79 15.28 -3.34
N VAL C 43 1.55 16.43 -3.96
CA VAL C 43 0.19 16.70 -4.52
C VAL C 43 -0.06 15.79 -5.71
N ASP C 44 0.92 15.68 -6.61
CA ASP C 44 0.77 14.80 -7.79
C ASP C 44 0.50 13.37 -7.31
N PHE C 45 1.15 12.98 -6.21
CA PHE C 45 1.00 11.60 -5.71
C PHE C 45 -0.45 11.37 -5.26
N GLU C 46 -1.00 12.30 -4.49
CA GLU C 46 -2.41 12.17 -4.03
C GLU C 46 -3.32 12.13 -5.25
N ALA C 47 -2.99 12.92 -6.27
CA ALA C 47 -3.79 12.91 -7.51
C ALA C 47 -3.80 11.50 -8.11
N LEU C 48 -2.62 10.92 -8.31
CA LEU C 48 -2.53 9.58 -8.94
C LEU C 48 -3.26 8.58 -8.05
N ARG C 49 -3.21 8.77 -6.74
CA ARG C 49 -3.85 7.82 -5.80
C ARG C 49 -5.36 7.87 -6.02
N LYS C 50 -5.92 9.08 -6.04
CA LYS C 50 -7.37 9.23 -6.27
C LYS C 50 -7.71 8.60 -7.61
N GLN C 51 -6.82 8.76 -8.61
CA GLN C 51 -7.05 8.09 -9.91
C GLN C 51 -7.04 6.58 -9.69
N TYR C 52 -5.96 6.07 -9.09
CA TYR C 52 -5.85 4.63 -8.88
C TYR C 52 -7.08 4.08 -8.19
N GLU C 53 -7.53 4.73 -7.12
CA GLU C 53 -8.73 4.21 -6.47
C GLU C 53 -9.91 4.19 -7.42
N LEU C 54 -10.08 5.25 -8.23
CA LEU C 54 -11.15 5.22 -9.24
C LEU C 54 -11.03 3.99 -10.12
N SER C 55 -9.85 3.82 -10.72
CA SER C 55 -9.57 2.69 -11.61
C SER C 55 -9.96 1.36 -10.98
N ARG C 56 -9.45 1.10 -9.77
CA ARG C 56 -9.73 -0.16 -9.10
C ARG C 56 -11.20 -0.34 -8.85
N ARG C 57 -11.91 0.75 -8.50
CA ARG C 57 -13.33 0.56 -8.21
C ARG C 57 -14.02 0.09 -9.46
N GLU C 58 -13.61 0.66 -10.59
CA GLU C 58 -14.20 0.26 -11.90
C GLU C 58 -13.86 -1.20 -12.19
N CYS C 59 -12.60 -1.59 -12.01
CA CYS C 59 -12.18 -2.97 -12.39
C CYS C 59 -13.00 -3.99 -11.60
N ILE C 60 -13.18 -3.74 -10.30
CA ILE C 60 -13.95 -4.69 -9.44
C ILE C 60 -15.38 -4.73 -9.96
N ASP C 61 -15.98 -3.55 -10.16
CA ASP C 61 -17.37 -3.47 -10.68
C ASP C 61 -17.47 -4.36 -11.91
N VAL C 62 -16.75 -4.01 -12.97
CA VAL C 62 -16.84 -4.79 -14.20
C VAL C 62 -16.49 -6.26 -13.97
N SER C 63 -15.55 -6.56 -13.07
CA SER C 63 -15.16 -7.95 -12.89
C SER C 63 -16.25 -8.73 -12.16
N ARG C 64 -16.93 -8.09 -11.22
CA ARG C 64 -18.07 -8.75 -10.59
C ARG C 64 -19.19 -8.94 -11.59
N LYS C 65 -19.44 -7.93 -12.46
CA LYS C 65 -20.50 -8.04 -13.46
C LYS C 65 -20.23 -9.19 -14.39
N LEU C 66 -19.00 -9.24 -14.92
CA LEU C 66 -18.60 -10.31 -15.86
C LEU C 66 -18.71 -11.65 -15.15
N ALA C 67 -18.25 -11.70 -13.91
CA ALA C 67 -18.32 -12.95 -13.14
C ALA C 67 -19.77 -13.44 -13.19
N ASN C 68 -20.72 -12.57 -12.88
CA ASN C 68 -22.15 -13.00 -12.81
C ASN C 68 -22.57 -13.62 -14.14
N ILE C 69 -22.31 -12.95 -15.26
CA ILE C 69 -22.78 -13.47 -16.56
C ILE C 69 -22.10 -14.80 -16.85
N MET C 70 -20.78 -14.90 -16.64
CA MET C 70 -20.08 -16.16 -17.01
C MET C 70 -20.68 -17.26 -16.15
N ALA C 71 -20.98 -16.95 -14.89
CA ALA C 71 -21.58 -17.93 -13.96
C ALA C 71 -22.92 -18.36 -14.53
N LEU C 72 -23.75 -17.38 -14.90
CA LEU C 72 -25.02 -17.79 -15.51
C LEU C 72 -24.83 -18.75 -16.69
N ILE C 73 -23.83 -18.45 -17.52
CA ILE C 73 -23.58 -19.24 -18.72
C ILE C 73 -23.01 -20.62 -18.36
N VAL C 74 -21.96 -20.67 -17.55
CA VAL C 74 -21.39 -22.00 -17.33
C VAL C 74 -22.33 -22.84 -16.48
N THR C 75 -23.10 -22.23 -15.59
CA THR C 75 -24.16 -23.01 -14.97
C THR C 75 -25.08 -23.57 -16.03
N LEU C 76 -25.41 -22.76 -17.05
CA LEU C 76 -26.34 -23.22 -18.07
C LEU C 76 -25.73 -24.39 -18.84
N ALA C 77 -24.51 -24.20 -19.33
CA ALA C 77 -23.80 -25.23 -20.06
C ALA C 77 -23.87 -26.54 -19.30
N ARG C 78 -23.45 -26.54 -18.02
CA ARG C 78 -23.52 -27.80 -17.27
C ARG C 78 -24.97 -28.28 -17.16
N PHE C 79 -25.94 -27.38 -17.06
CA PHE C 79 -27.29 -27.87 -16.88
C PHE C 79 -27.76 -28.63 -18.09
N ILE C 80 -27.48 -28.07 -19.26
CA ILE C 80 -28.01 -28.62 -20.50
C ILE C 80 -27.19 -29.82 -20.92
N GLU C 81 -25.99 -29.96 -20.35
CA GLU C 81 -25.11 -31.11 -20.68
C GLU C 81 -25.80 -32.41 -20.29
N THR C 82 -26.60 -32.38 -19.22
CA THR C 82 -27.28 -33.60 -18.73
C THR C 82 -28.37 -34.02 -19.73
N PHE C 83 -28.43 -33.35 -20.88
CA PHE C 83 -29.52 -33.65 -21.84
C PHE C 83 -28.91 -33.97 -23.22
N CYS C 84 -27.86 -33.25 -23.60
CA CYS C 84 -27.27 -33.47 -24.95
C CYS C 84 -26.97 -34.96 -25.12
N THR C 85 -27.45 -35.57 -26.21
CA THR C 85 -27.25 -37.02 -26.45
C THR C 85 -25.94 -37.22 -27.23
N ASP C 86 -25.59 -36.27 -28.10
CA ASP C 86 -24.39 -36.44 -28.90
C ASP C 86 -23.12 -36.14 -28.07
N ALA C 87 -22.05 -36.86 -28.38
CA ALA C 87 -20.76 -36.67 -27.72
C ALA C 87 -20.07 -35.37 -28.13
N ASN C 88 -20.35 -34.86 -29.33
CA ASN C 88 -19.95 -33.50 -29.67
C ASN C 88 -20.69 -32.48 -28.84
N GLU C 89 -21.98 -32.72 -28.60
CA GLU C 89 -22.77 -31.81 -27.77
C GLU C 89 -22.26 -31.80 -26.35
N LYS C 90 -22.05 -32.99 -25.80
CA LYS C 90 -21.50 -33.10 -24.45
C LYS C 90 -20.14 -32.43 -24.38
N GLN C 91 -19.27 -32.64 -25.36
CA GLN C 91 -17.97 -31.97 -25.35
C GLN C 91 -18.13 -30.46 -25.44
N LEU C 92 -19.07 -30.01 -26.26
CA LEU C 92 -19.35 -28.59 -26.34
C LEU C 92 -19.60 -28.03 -24.96
N CYS C 93 -20.63 -28.57 -24.28
CA CYS C 93 -20.98 -28.04 -22.97
C CYS C 93 -19.79 -28.07 -22.01
N ARG C 94 -19.03 -29.16 -22.01
CA ARG C 94 -17.93 -29.25 -21.07
C ARG C 94 -16.92 -28.14 -21.33
N GLU C 95 -16.55 -27.95 -22.61
CA GLU C 95 -15.53 -26.95 -22.91
C GLU C 95 -16.02 -25.57 -22.51
N ILE C 96 -17.28 -25.28 -22.82
CA ILE C 96 -17.80 -23.97 -22.46
C ILE C 96 -17.71 -23.82 -20.96
N ALA C 97 -18.18 -24.82 -20.22
CA ALA C 97 -18.17 -24.71 -18.77
C ALA C 97 -16.76 -24.60 -18.19
N GLN C 98 -15.70 -24.87 -18.96
CA GLN C 98 -14.39 -24.52 -18.43
C GLN C 98 -14.21 -23.01 -18.24
N GLY C 99 -15.10 -22.19 -18.77
CA GLY C 99 -15.23 -20.79 -18.36
C GLY C 99 -14.33 -19.77 -19.03
N ASP C 100 -13.76 -20.05 -20.19
CA ASP C 100 -12.90 -19.09 -20.86
C ASP C 100 -13.72 -18.11 -21.70
N GLU C 101 -13.41 -16.81 -21.58
N GLU C 101 -13.44 -16.80 -21.58
CA GLU C 101 -14.12 -15.77 -22.32
CA GLU C 101 -14.19 -15.81 -22.36
C GLU C 101 -14.08 -16.04 -23.81
C GLU C 101 -14.10 -16.08 -23.84
N THR C 102 -12.87 -16.06 -24.38
CA THR C 102 -12.68 -16.33 -25.80
C THR C 102 -13.47 -17.54 -26.28
N LEU C 103 -13.12 -18.72 -25.77
CA LEU C 103 -13.74 -19.93 -26.27
C LEU C 103 -15.24 -19.88 -26.14
N ILE C 104 -15.75 -19.11 -25.20
CA ILE C 104 -17.20 -18.99 -25.11
C ILE C 104 -17.72 -18.11 -26.22
N VAL C 105 -17.10 -16.94 -26.44
CA VAL C 105 -17.65 -16.04 -27.45
C VAL C 105 -17.55 -16.72 -28.79
N GLN C 106 -16.53 -17.55 -28.97
CA GLN C 106 -16.28 -18.13 -30.28
C GLN C 106 -17.09 -19.37 -30.53
N ARG C 107 -17.60 -20.03 -29.52
CA ARG C 107 -18.45 -21.17 -29.80
C ARG C 107 -19.89 -20.95 -29.40
N SER C 108 -20.27 -19.69 -29.31
CA SER C 108 -21.60 -19.35 -28.87
C SER C 108 -22.68 -19.62 -29.92
N ASP C 109 -22.35 -19.57 -31.22
CA ASP C 109 -23.38 -19.86 -32.21
C ASP C 109 -23.83 -21.31 -32.11
N SER C 110 -22.88 -22.23 -32.23
CA SER C 110 -23.14 -23.66 -31.97
C SER C 110 -23.82 -23.88 -30.60
N PHE C 111 -23.33 -23.22 -29.55
CA PHE C 111 -24.02 -23.35 -28.26
C PHE C 111 -25.50 -23.01 -28.40
N MET C 112 -25.82 -21.87 -29.00
CA MET C 112 -27.21 -21.50 -29.21
C MET C 112 -27.96 -22.54 -30.05
N LYS C 113 -27.31 -23.03 -31.11
CA LYS C 113 -27.97 -24.05 -31.94
C LYS C 113 -28.40 -25.22 -31.07
N LEU C 114 -27.49 -25.66 -30.19
CA LEU C 114 -27.78 -26.69 -29.21
C LEU C 114 -29.02 -26.36 -28.41
N LEU C 115 -29.01 -25.17 -27.80
CA LEU C 115 -30.11 -24.73 -26.96
C LEU C 115 -31.45 -24.79 -27.71
N THR C 116 -31.46 -24.33 -28.98
CA THR C 116 -32.66 -24.44 -29.81
C THR C 116 -33.14 -25.88 -29.88
N LYS C 117 -32.20 -26.84 -29.99
CA LYS C 117 -32.61 -28.23 -30.20
C LYS C 117 -33.39 -28.77 -29.01
N TYR C 118 -32.88 -28.60 -27.79
CA TYR C 118 -33.38 -29.38 -26.67
C TYR C 118 -34.42 -28.65 -25.80
N GLY C 119 -34.71 -27.39 -26.07
CA GLY C 119 -35.71 -26.68 -25.29
C GLY C 119 -37.10 -26.67 -25.92
N LYS C 120 -37.97 -27.58 -25.49
CA LYS C 120 -39.33 -27.66 -26.02
C LYS C 120 -40.26 -28.17 -24.93
N PRO C 121 -40.70 -27.29 -24.02
CA PRO C 121 -41.62 -27.65 -22.93
C PRO C 121 -43.06 -27.78 -23.39
N ALA C 132 -33.04 -39.88 -10.94
CA ALA C 132 -33.27 -38.60 -10.29
C ALA C 132 -32.32 -38.34 -9.11
N SER C 133 -32.34 -39.25 -8.14
CA SER C 133 -31.64 -39.05 -6.87
C SER C 133 -30.13 -38.85 -7.08
N ASP C 134 -29.50 -39.77 -7.81
CA ASP C 134 -28.05 -39.73 -8.00
C ASP C 134 -27.59 -38.41 -8.60
N HIS C 135 -28.40 -37.82 -9.47
CA HIS C 135 -28.01 -36.55 -10.07
C HIS C 135 -27.99 -35.42 -9.04
N ILE C 136 -28.95 -35.43 -8.11
CA ILE C 136 -28.94 -34.41 -7.06
C ILE C 136 -27.73 -34.58 -6.15
N GLN C 137 -27.37 -35.83 -5.87
CA GLN C 137 -26.14 -36.02 -5.10
C GLN C 137 -24.94 -35.46 -5.85
N GLU C 138 -24.90 -35.66 -7.16
CA GLU C 138 -23.84 -35.05 -7.94
C GLU C 138 -23.79 -33.55 -7.70
N LEU C 139 -24.95 -32.89 -7.82
CA LEU C 139 -24.98 -31.43 -7.65
C LEU C 139 -24.54 -30.99 -6.25
N THR C 140 -24.90 -31.75 -5.22
CA THR C 140 -24.44 -31.35 -3.90
C THR C 140 -22.95 -31.53 -3.77
N THR C 141 -22.41 -32.51 -4.49
CA THR C 141 -20.97 -32.69 -4.59
C THR C 141 -20.31 -31.51 -5.29
N GLU C 142 -20.92 -31.10 -6.41
CA GLU C 142 -20.53 -29.90 -7.15
C GLU C 142 -20.49 -28.69 -6.22
N LEU C 143 -21.57 -28.52 -5.45
CA LEU C 143 -21.66 -27.36 -4.52
C LEU C 143 -20.50 -27.42 -3.53
N LYS C 144 -20.28 -28.56 -2.88
CA LYS C 144 -19.24 -28.65 -1.81
C LYS C 144 -17.87 -28.30 -2.36
N ASN C 145 -17.51 -28.90 -3.51
CA ASN C 145 -16.16 -28.67 -4.07
C ASN C 145 -16.03 -27.18 -4.41
N LEU C 146 -17.09 -26.59 -4.96
CA LEU C 146 -17.02 -25.16 -5.36
C LEU C 146 -16.84 -24.29 -4.12
N ARG C 147 -17.55 -24.63 -3.04
CA ARG C 147 -17.44 -23.87 -1.77
C ARG C 147 -16.01 -23.96 -1.29
N LYS C 148 -15.42 -25.15 -1.35
CA LYS C 148 -14.00 -25.30 -0.95
C LYS C 148 -13.16 -24.34 -1.81
N SER C 149 -13.29 -24.45 -3.13
CA SER C 149 -12.52 -23.60 -4.06
C SER C 149 -12.67 -22.13 -3.64
N LYS C 150 -13.89 -21.69 -3.38
CA LYS C 150 -14.10 -20.28 -3.07
C LYS C 150 -13.27 -19.89 -1.87
N GLU C 151 -13.36 -20.69 -0.80
CA GLU C 151 -12.60 -20.47 0.44
C GLU C 151 -11.10 -20.51 0.18
N GLU C 152 -10.66 -21.45 -0.65
CA GLU C 152 -9.25 -21.51 -1.00
C GLU C 152 -8.81 -20.18 -1.60
N LEU C 153 -9.56 -19.72 -2.62
CA LEU C 153 -9.23 -18.49 -3.33
C LEU C 153 -9.33 -17.26 -2.45
N PHE C 154 -10.33 -17.20 -1.58
CA PHE C 154 -10.41 -16.10 -0.64
C PHE C 154 -9.16 -16.02 0.23
N TYR C 155 -8.71 -17.17 0.72
CA TYR C 155 -7.48 -17.16 1.48
C TYR C 155 -6.32 -16.64 0.62
N GLU C 156 -6.23 -17.13 -0.61
CA GLU C 156 -5.07 -16.80 -1.43
C GLU C 156 -5.07 -15.33 -1.80
N ASN C 157 -6.26 -14.76 -2.04
CA ASN C 157 -6.48 -13.33 -2.20
C ASN C 157 -5.87 -12.56 -1.04
N SER C 158 -6.25 -12.96 0.17
CA SER C 158 -5.74 -12.28 1.34
C SER C 158 -4.20 -12.32 1.35
N GLN C 159 -3.64 -13.53 1.23
CA GLN C 159 -2.17 -13.66 1.24
C GLN C 159 -1.51 -12.75 0.21
N LEU C 160 -2.14 -12.59 -0.95
CA LEU C 160 -1.55 -11.75 -2.00
C LEU C 160 -1.56 -10.28 -1.60
N THR C 161 -2.65 -9.79 -1.02
CA THR C 161 -2.63 -8.42 -0.53
C THR C 161 -1.47 -8.19 0.42
N GLU C 162 -1.32 -9.11 1.40
CA GLU C 162 -0.20 -9.02 2.33
C GLU C 162 1.14 -9.04 1.59
N GLU C 163 1.28 -9.93 0.61
CA GLU C 163 2.53 -9.98 -0.14
C GLU C 163 2.86 -8.64 -0.79
N ILE C 164 1.84 -7.99 -1.38
CA ILE C 164 2.07 -6.70 -2.02
C ILE C 164 2.62 -5.71 -1.02
N SER C 165 1.98 -5.66 0.14
CA SER C 165 2.41 -4.76 1.19
C SER C 165 3.87 -5.00 1.57
N ALA C 166 4.14 -6.23 2.05
CA ALA C 166 5.49 -6.71 2.31
C ALA C 166 6.47 -6.29 1.24
N LEU C 167 6.13 -6.50 -0.03
CA LEU C 167 7.08 -6.28 -1.11
C LEU C 167 7.44 -4.82 -1.24
N LYS C 168 6.41 -3.96 -1.27
CA LYS C 168 6.71 -2.55 -1.43
C LYS C 168 7.62 -2.07 -0.31
N GLU C 169 7.28 -2.44 0.93
CA GLU C 169 8.12 -2.09 2.08
C GLU C 169 9.54 -2.63 1.92
N TYR C 170 9.67 -3.88 1.47
CA TYR C 170 10.98 -4.52 1.34
C TYR C 170 11.85 -3.78 0.35
N TYR C 171 11.33 -3.57 -0.84
CA TYR C 171 12.16 -3.00 -1.89
C TYR C 171 12.52 -1.56 -1.58
N THR C 172 11.58 -0.77 -1.05
CA THR C 172 11.92 0.61 -0.77
C THR C 172 12.92 0.70 0.38
N ASN C 173 12.83 -0.20 1.37
CA ASN C 173 13.87 -0.21 2.39
C ASN C 173 15.24 -0.42 1.76
N ILE C 174 15.29 -1.30 0.75
CA ILE C 174 16.57 -1.60 0.13
C ILE C 174 17.13 -0.37 -0.58
N ILE C 175 16.27 0.34 -1.29
CA ILE C 175 16.74 1.50 -2.03
C ILE C 175 17.16 2.61 -1.07
N ARG C 176 16.40 2.77 0.01
CA ARG C 176 16.77 3.76 1.02
C ARG C 176 18.17 3.50 1.54
N LYS C 177 18.49 2.23 1.79
CA LYS C 177 19.85 1.87 2.17
C LYS C 177 20.84 2.26 1.09
N TYR C 178 20.54 1.95 -0.18
CA TYR C 178 21.47 2.31 -1.25
C TYR C 178 21.78 3.79 -1.27
N ASP C 179 20.77 4.63 -1.05
CA ASP C 179 21.02 6.07 -1.05
C ASP C 179 21.80 6.50 0.17
N ARG C 180 21.62 5.79 1.27
CA ARG C 180 22.44 6.05 2.44
C ARG C 180 23.88 5.58 2.27
N ASP C 181 24.13 4.69 1.33
CA ASP C 181 25.49 4.17 1.18
C ASP C 181 26.36 5.00 0.26
N GLU C 182 25.75 5.90 -0.52
CA GLU C 182 26.47 6.81 -1.40
C GLU C 182 26.29 8.25 -0.96
N SER C 183 25.67 8.46 0.20
CA SER C 183 25.65 9.77 0.83
C SER C 183 27.00 9.98 1.51
N PHE C 184 27.75 10.97 1.03
CA PHE C 184 29.01 11.26 1.69
C PHE C 184 28.80 12.12 2.93
N THR C 185 27.80 13.01 2.90
CA THR C 185 27.44 13.77 4.09
C THR C 185 27.19 12.84 5.26
N ILE C 186 26.51 11.73 5.02
CA ILE C 186 26.28 10.76 6.09
C ILE C 186 27.62 10.23 6.59
N LYS C 187 28.52 9.91 5.67
CA LYS C 187 29.81 9.33 6.05
C LYS C 187 30.60 10.29 6.93
N ARG C 188 30.58 11.59 6.62
CA ARG C 188 31.37 12.52 7.41
C ARG C 188 30.68 12.87 8.72
N VAL C 189 29.34 12.93 8.72
CA VAL C 189 28.65 13.21 9.96
C VAL C 189 28.84 12.08 10.94
N PHE C 190 28.99 10.85 10.43
CA PHE C 190 28.96 9.69 11.31
C PHE C 190 30.26 8.90 11.37
N LYS C 191 31.25 9.21 10.50
CA LYS C 191 32.59 8.57 10.43
C LYS C 191 32.59 7.18 9.75
#